data_3HSV
#
_entry.id   3HSV
#
_cell.length_a   88.953
_cell.length_b   43.086
_cell.length_c   87.453
_cell.angle_alpha   90.00
_cell.angle_beta   118.15
_cell.angle_gamma   90.00
#
_symmetry.space_group_name_H-M   'C 1 2 1'
#
loop_
_entity.id
_entity.type
_entity.pdbx_description
1 polymer 'Speckle-type POZ protein'
2 polymer 'Core histone macro-H2A.1'
3 non-polymer 'ZINC ION'
4 non-polymer 'SULFATE ION'
5 water water
#
loop_
_entity_poly.entity_id
_entity_poly.type
_entity_poly.pdbx_seq_one_letter_code
_entity_poly.pdbx_strand_id
1 'polypeptide(L)'
;GSGGSGKVVKFSYMWTINNFSFCREEMGEVIKSSTFSSGANDKLKWCLRVNPKGLDEESKDYLSLYLLLVSCPKSEVRAK
FKFSILNAKGEETKAMESQRAYRFVQGKDWGFKKFIRRGFLLDEANGLLPDDKLTLFCEVSVVQD
;
A,B
2 'polypeptide(L)' (ACE)DSTTEGTPADGFTVL M
#
# COMPACT_ATOMS: atom_id res chain seq x y z
N LYS A 7 13.19 -17.59 8.03
CA LYS A 7 14.05 -16.57 7.36
C LYS A 7 13.97 -15.21 8.05
N VAL A 8 15.08 -14.82 8.67
CA VAL A 8 15.22 -13.48 9.24
C VAL A 8 16.10 -12.63 8.34
N VAL A 9 15.65 -11.42 8.02
CA VAL A 9 16.44 -10.48 7.25
C VAL A 9 16.39 -9.12 7.93
N LYS A 10 17.52 -8.68 8.45
CA LYS A 10 17.60 -7.38 9.09
C LYS A 10 18.47 -6.46 8.26
N PHE A 11 18.01 -5.22 8.09
CA PHE A 11 18.72 -4.24 7.27
C PHE A 11 18.46 -2.86 7.82
N SER A 12 19.15 -1.87 7.27
CA SER A 12 19.00 -0.52 7.78
C SER A 12 19.10 0.47 6.65
N TYR A 13 18.66 1.68 6.94
CA TYR A 13 18.84 2.80 6.03
C TYR A 13 19.09 4.04 6.85
N MET A 14 20.08 4.81 6.42
CA MET A 14 20.38 6.11 7.01
C MET A 14 19.91 7.19 6.06
N TRP A 15 19.04 8.05 6.59
CA TRP A 15 18.46 9.13 5.80
C TRP A 15 18.95 10.47 6.33
N THR A 16 19.74 11.18 5.53
CA THR A 16 20.18 12.52 5.92
C THR A 16 19.31 13.55 5.22
N ILE A 17 18.65 14.38 6.03
CA ILE A 17 17.83 15.49 5.52
C ILE A 17 18.58 16.78 5.81
N ASN A 18 19.11 17.38 4.75
CA ASN A 18 19.92 18.56 4.89
C ASN A 18 19.08 19.81 5.09
N ASN A 19 19.67 20.81 5.74
CA ASN A 19 19.02 22.11 5.92
C ASN A 19 17.64 21.95 6.56
N PHE A 20 17.61 21.16 7.63
CA PHE A 20 16.32 20.81 8.20
C PHE A 20 15.56 22.03 8.71
N SER A 21 16.29 23.01 9.24
CA SER A 21 15.65 24.22 9.77
C SER A 21 14.98 25.12 8.73
N PHE A 22 15.16 24.81 7.44
N PHE A 22 15.23 24.84 7.45
CA PHE A 22 14.61 25.65 6.34
CA PHE A 22 14.68 25.65 6.35
C PHE A 22 13.09 25.77 6.32
C PHE A 22 13.23 25.25 6.08
N CYS A 23 12.39 24.73 6.78
N CYS A 23 12.42 25.24 7.13
CA CYS A 23 10.98 24.89 7.11
CA CYS A 23 11.09 24.65 7.07
C CYS A 23 10.07 25.16 5.92
C CYS A 23 10.23 25.17 5.92
N ARG A 24 10.22 24.38 4.85
CA ARG A 24 9.39 24.60 3.70
C ARG A 24 8.31 23.51 3.61
N GLU A 25 8.11 22.78 4.70
N GLU A 25 8.16 22.73 4.67
CA GLU A 25 7.03 21.78 4.77
CA GLU A 25 7.01 21.84 4.82
C GLU A 25 6.08 22.10 5.92
C GLU A 25 6.10 22.33 5.92
N GLU A 26 4.83 22.43 5.58
CA GLU A 26 3.82 22.81 6.55
C GLU A 26 3.10 21.58 7.08
N MET A 27 2.24 21.78 8.07
CA MET A 27 1.52 20.66 8.67
CA MET A 27 1.50 20.68 8.67
C MET A 27 0.87 19.79 7.60
N GLY A 28 1.06 18.47 7.74
CA GLY A 28 0.47 17.52 6.80
C GLY A 28 1.30 17.24 5.56
N GLU A 29 2.25 18.12 5.25
CA GLU A 29 3.13 17.91 4.10
C GLU A 29 4.23 16.91 4.44
N VAL A 30 4.79 16.29 3.42
CA VAL A 30 5.63 15.11 3.59
C VAL A 30 6.91 15.19 2.77
N ILE A 31 7.97 14.61 3.30
CA ILE A 31 9.18 14.35 2.53
C ILE A 31 9.34 12.84 2.47
N LYS A 32 9.57 12.31 1.26
CA LYS A 32 9.84 10.87 1.15
CA LYS A 32 9.80 10.87 1.05
C LYS A 32 11.29 10.62 0.80
N SER A 33 11.83 9.54 1.37
CA SER A 33 13.21 9.18 1.09
C SER A 33 13.32 8.46 -0.24
N SER A 34 14.55 8.30 -0.70
CA SER A 34 14.82 7.35 -1.76
C SER A 34 14.42 5.94 -1.31
N THR A 35 14.18 5.06 -2.28
CA THR A 35 13.86 3.67 -1.94
C THR A 35 15.10 2.90 -1.54
N PHE A 36 14.91 1.89 -0.71
CA PHE A 36 16.00 1.03 -0.28
C PHE A 36 15.52 -0.39 -0.08
N SER A 37 16.45 -1.33 0.05
CA SER A 37 16.11 -2.73 0.28
C SER A 37 17.15 -3.38 1.19
N SER A 38 17.02 -4.68 1.42
CA SER A 38 18.01 -5.42 2.18
C SER A 38 19.25 -5.73 1.33
N LEU A 44 12.70 -6.72 -1.78
CA LEU A 44 11.59 -5.87 -1.39
C LEU A 44 12.07 -4.41 -1.35
N LYS A 45 11.31 -3.46 -1.93
CA LYS A 45 11.62 -2.02 -1.83
C LYS A 45 10.79 -1.31 -0.78
N TRP A 46 11.46 -0.43 -0.02
CA TRP A 46 10.89 0.32 1.08
C TRP A 46 11.25 1.79 0.94
N CYS A 47 10.52 2.67 1.62
CA CYS A 47 11.01 4.04 1.77
C CYS A 47 10.53 4.56 3.11
N LEU A 48 11.08 5.71 3.49
CA LEU A 48 10.64 6.42 4.69
C LEU A 48 9.88 7.67 4.28
N ARG A 49 8.94 8.08 5.13
CA ARG A 49 8.19 9.31 4.91
C ARG A 49 8.17 10.06 6.23
N VAL A 50 8.49 11.35 6.16
CA VAL A 50 8.49 12.19 7.34
C VAL A 50 7.58 13.41 7.15
N ASN A 51 6.86 13.77 8.21
CA ASN A 51 6.11 15.02 8.22
C ASN A 51 6.84 15.94 9.19
N PRO A 52 7.63 16.91 8.69
CA PRO A 52 8.38 17.79 9.59
C PRO A 52 7.53 18.60 10.56
N LYS A 53 6.28 18.90 10.16
CA LYS A 53 5.32 19.60 11.04
C LYS A 53 4.08 18.77 11.31
N GLY A 54 4.30 17.46 11.39
CA GLY A 54 3.26 16.58 11.86
C GLY A 54 2.29 16.16 10.79
N LEU A 55 1.71 15.00 11.03
CA LEU A 55 0.75 14.41 10.11
C LEU A 55 -0.52 15.24 10.10
N ASP A 56 -0.90 15.74 11.28
CA ASP A 56 -2.16 16.46 11.46
C ASP A 56 -2.13 17.42 12.66
N GLU A 57 -3.27 18.07 12.89
CA GLU A 57 -3.42 19.06 13.96
C GLU A 57 -3.03 18.55 15.35
N GLU A 58 -3.38 17.30 15.65
CA GLU A 58 -3.08 16.72 16.95
C GLU A 58 -1.58 16.40 17.10
N SER A 59 -0.86 16.40 15.98
CA SER A 59 0.56 16.11 15.97
C SER A 59 1.44 17.23 15.40
N LYS A 60 0.89 18.43 15.20
CA LYS A 60 1.62 19.53 14.51
C LYS A 60 2.95 19.95 15.15
N ASP A 61 3.08 19.59 16.44
CA ASP A 61 4.26 19.91 17.24
CA ASP A 61 4.27 19.92 17.23
C ASP A 61 5.37 18.86 17.17
N TYR A 62 5.13 17.82 16.37
CA TYR A 62 6.03 16.67 16.28
C TYR A 62 6.41 16.39 14.85
N LEU A 63 7.58 15.81 14.67
CA LEU A 63 7.87 15.09 13.44
C LEU A 63 7.16 13.76 13.50
N SER A 64 6.50 13.40 12.40
CA SER A 64 5.88 12.09 12.25
C SER A 64 6.77 11.32 11.29
N LEU A 65 6.99 10.04 11.54
CA LEU A 65 7.92 9.26 10.73
C LEU A 65 7.39 7.86 10.48
N TYR A 66 7.42 7.45 9.22
CA TYR A 66 6.82 6.17 8.81
C TYR A 66 7.72 5.39 7.85
N LEU A 67 7.64 4.07 7.98
CA LEU A 67 8.24 3.14 7.04
C LEU A 67 7.15 2.60 6.11
N LEU A 68 7.42 2.64 4.80
CA LEU A 68 6.43 2.21 3.80
C LEU A 68 7.02 1.07 2.99
N LEU A 69 6.25 0.00 2.83
CA LEU A 69 6.60 -1.05 1.88
C LEU A 69 6.08 -0.66 0.50
N VAL A 70 7.01 -0.50 -0.45
CA VAL A 70 6.69 0.00 -1.78
C VAL A 70 6.35 -1.14 -2.76
N SER A 71 7.07 -2.24 -2.64
CA SER A 71 6.97 -3.37 -3.57
CA SER A 71 6.95 -3.36 -3.60
C SER A 71 5.96 -4.41 -3.12
N CYS A 72 5.62 -5.33 -4.02
CA CYS A 72 4.70 -6.41 -3.75
C CYS A 72 5.47 -7.66 -3.32
N PRO A 73 5.29 -8.08 -2.06
CA PRO A 73 5.98 -9.31 -1.63
C PRO A 73 5.26 -10.57 -2.08
N LYS A 74 5.99 -11.67 -2.18
CA LYS A 74 5.43 -12.97 -2.57
C LYS A 74 4.87 -13.77 -1.40
N SER A 75 5.36 -13.46 -0.21
CA SER A 75 4.91 -14.10 1.01
C SER A 75 4.67 -13.04 2.07
N GLU A 76 3.99 -13.43 3.15
CA GLU A 76 3.66 -12.49 4.23
C GLU A 76 4.90 -11.84 4.80
N VAL A 77 4.84 -10.51 4.96
CA VAL A 77 5.95 -9.73 5.54
C VAL A 77 5.49 -9.13 6.87
N ARG A 78 6.17 -9.52 7.93
CA ARG A 78 6.06 -8.88 9.23
C ARG A 78 7.40 -8.32 9.60
N ALA A 79 7.39 -7.08 10.06
CA ALA A 79 8.63 -6.42 10.40
C ALA A 79 8.51 -5.66 11.69
N LYS A 80 9.56 -5.77 12.50
CA LYS A 80 9.77 -4.86 13.62
C LYS A 80 10.70 -3.77 13.11
N PHE A 81 10.48 -2.54 13.55
CA PHE A 81 11.29 -1.43 13.11
C PHE A 81 11.68 -0.53 14.26
N LYS A 82 12.83 0.12 14.11
CA LYS A 82 13.33 1.04 15.11
C LYS A 82 13.88 2.24 14.39
N PHE A 83 13.42 3.42 14.79
CA PHE A 83 13.94 4.66 14.24
C PHE A 83 14.74 5.38 15.30
N SER A 84 15.89 5.91 14.94
CA SER A 84 16.67 6.71 15.88
C SER A 84 17.26 7.92 15.15
N ILE A 85 17.77 8.87 15.93
CA ILE A 85 18.40 10.06 15.37
C ILE A 85 19.87 9.92 15.68
N LEU A 86 20.73 10.10 14.68
CA LEU A 86 22.18 10.04 14.93
C LEU A 86 22.73 11.40 15.31
N ASN A 87 23.52 11.44 16.37
CA ASN A 87 24.17 12.69 16.76
C ASN A 87 25.47 12.92 15.96
N ALA A 88 26.23 13.95 16.30
CA ALA A 88 27.44 14.31 15.52
C ALA A 88 28.53 13.23 15.56
N LYS A 89 28.48 12.39 16.60
CA LYS A 89 29.42 11.28 16.77
C LYS A 89 28.91 9.99 16.13
N GLY A 90 27.73 10.06 15.49
CA GLY A 90 27.15 8.91 14.81
C GLY A 90 26.43 7.94 15.72
N GLU A 91 26.20 8.34 16.97
CA GLU A 91 25.52 7.49 17.96
C GLU A 91 24.01 7.61 17.85
N GLU A 92 23.32 6.49 18.08
CA GLU A 92 21.87 6.45 18.12
C GLU A 92 21.33 7.13 19.36
N THR A 93 20.36 8.02 19.16
CA THR A 93 19.67 8.62 20.29
CA THR A 93 19.68 8.71 20.26
C THR A 93 18.18 8.79 20.00
N LYS A 94 17.40 8.95 21.07
CA LYS A 94 15.96 9.16 20.97
C LYS A 94 15.29 8.09 20.11
N ALA A 95 15.67 6.84 20.33
CA ALA A 95 15.15 5.74 19.53
C ALA A 95 13.70 5.47 19.89
N MET A 96 12.94 5.02 18.90
CA MET A 96 11.57 4.57 19.13
C MET A 96 11.41 3.30 18.32
N GLU A 97 10.94 2.26 19.00
CA GLU A 97 10.88 0.93 18.41
C GLU A 97 9.45 0.43 18.42
N SER A 98 9.05 -0.24 17.34
CA SER A 98 7.72 -0.83 17.29
C SER A 98 7.59 -1.88 18.40
N GLN A 99 6.40 -1.97 18.99
CA GLN A 99 6.22 -2.82 20.17
C GLN A 99 6.02 -4.29 19.81
N ARG A 100 5.89 -4.55 18.52
CA ARG A 100 5.77 -5.90 17.97
C ARG A 100 6.10 -5.78 16.49
N ALA A 101 6.11 -6.92 15.81
CA ALA A 101 6.20 -6.94 14.37
C ALA A 101 4.83 -6.55 13.81
N TYR A 102 4.87 -5.74 12.76
CA TYR A 102 3.67 -5.28 12.06
C TYR A 102 3.63 -5.91 10.68
N ARG A 103 2.41 -6.20 10.23
CA ARG A 103 2.19 -6.74 8.90
C ARG A 103 2.28 -5.64 7.85
N PHE A 104 3.23 -5.79 6.93
CA PHE A 104 3.35 -4.87 5.81
C PHE A 104 2.91 -5.57 4.53
N VAL A 105 1.88 -5.02 3.89
CA VAL A 105 1.50 -5.40 2.53
C VAL A 105 1.93 -4.24 1.62
N GLN A 106 1.89 -4.45 0.30
CA GLN A 106 2.30 -3.39 -0.61
C GLN A 106 1.48 -2.14 -0.33
N GLY A 107 2.16 -1.01 -0.16
CA GLY A 107 1.48 0.26 0.05
C GLY A 107 1.08 0.56 1.48
N LYS A 108 1.49 -0.29 2.42
CA LYS A 108 1.18 -0.07 3.83
C LYS A 108 2.36 0.58 4.53
N ASP A 109 2.07 1.60 5.33
CA ASP A 109 3.08 2.17 6.20
CA ASP A 109 3.05 2.25 6.19
C ASP A 109 2.77 1.95 7.67
N TRP A 110 3.83 1.97 8.47
CA TRP A 110 3.72 1.91 9.91
C TRP A 110 4.82 2.81 10.45
N GLY A 111 4.53 3.46 11.58
CA GLY A 111 5.52 4.36 12.15
C GLY A 111 4.98 5.03 13.37
N PHE A 112 5.44 6.26 13.61
CA PHE A 112 5.08 7.00 14.81
C PHE A 112 4.67 8.40 14.44
N LYS A 113 3.42 8.72 14.74
CA LYS A 113 2.92 10.07 14.45
CA LYS A 113 2.86 10.05 14.51
C LYS A 113 3.59 11.10 15.34
N LYS A 114 4.03 10.71 16.53
CA LYS A 114 4.73 11.62 17.44
C LYS A 114 6.13 11.06 17.69
N PHE A 115 6.98 11.13 16.66
CA PHE A 115 8.32 10.55 16.79
C PHE A 115 9.25 11.39 17.64
N ILE A 116 9.30 12.71 17.40
CA ILE A 116 10.09 13.59 18.24
C ILE A 116 9.51 14.99 18.21
N ARG A 117 9.59 15.71 19.32
CA ARG A 117 9.13 17.10 19.34
C ARG A 117 9.96 17.97 18.44
N ARG A 118 9.27 18.76 17.63
CA ARG A 118 9.93 19.70 16.75
C ARG A 118 10.76 20.71 17.56
N GLY A 119 10.19 21.22 18.65
CA GLY A 119 10.87 22.22 19.48
C GLY A 119 12.10 21.68 20.19
N PHE A 120 12.19 20.37 20.32
CA PHE A 120 13.40 19.74 20.85
C PHE A 120 14.44 19.65 19.74
N LEU A 121 14.01 19.07 18.63
CA LEU A 121 14.92 18.84 17.54
C LEU A 121 15.53 20.15 17.03
N LEU A 122 14.71 21.20 16.96
CA LEU A 122 15.15 22.46 16.40
C LEU A 122 16.06 23.28 17.28
N ASP A 123 16.14 22.96 18.58
CA ASP A 123 17.04 23.72 19.44
C ASP A 123 18.45 23.16 19.33
N GLU A 124 19.34 23.99 18.80
CA GLU A 124 20.70 23.55 18.46
C GLU A 124 21.41 22.94 19.65
N ALA A 125 21.08 23.40 20.86
CA ALA A 125 21.75 22.97 22.08
C ALA A 125 21.63 21.47 22.36
N ASN A 126 20.59 20.85 21.84
CA ASN A 126 20.42 19.41 22.01
C ASN A 126 21.33 18.60 21.10
N GLY A 127 21.92 19.27 20.12
CA GLY A 127 22.97 18.69 19.26
C GLY A 127 22.49 17.67 18.25
N LEU A 128 21.20 17.69 17.90
CA LEU A 128 20.68 16.71 16.96
C LEU A 128 20.55 17.20 15.51
N LEU A 129 20.93 18.45 15.27
CA LEU A 129 20.99 19.00 13.91
C LEU A 129 22.38 19.57 13.61
N PRO A 130 23.43 18.74 13.74
CA PRO A 130 24.77 19.24 13.45
C PRO A 130 24.84 19.68 11.99
N ASP A 131 25.38 20.88 11.76
CA ASP A 131 25.39 21.51 10.44
C ASP A 131 24.00 21.57 9.79
N ASP A 132 22.97 21.66 10.64
CA ASP A 132 21.57 21.72 10.23
C ASP A 132 21.11 20.49 9.46
N LYS A 133 21.77 19.36 9.72
CA LYS A 133 21.40 18.09 9.08
C LYS A 133 20.70 17.20 10.09
N LEU A 134 19.53 16.69 9.71
CA LEU A 134 18.86 15.67 10.50
C LEU A 134 19.21 14.31 9.92
N THR A 135 19.79 13.44 10.75
CA THR A 135 20.16 12.11 10.30
C THR A 135 19.31 11.09 11.02
N LEU A 136 18.45 10.43 10.26
CA LEU A 136 17.59 9.38 10.76
C LEU A 136 18.15 8.00 10.42
N PHE A 137 18.04 7.07 11.35
CA PHE A 137 18.55 5.73 11.15
C PHE A 137 17.41 4.75 11.40
N CYS A 138 17.10 3.96 10.38
CA CYS A 138 15.97 3.03 10.45
C CYS A 138 16.51 1.61 10.35
N GLU A 139 16.18 0.80 11.35
CA GLU A 139 16.54 -0.62 11.35
C GLU A 139 15.27 -1.42 11.22
N VAL A 140 15.26 -2.37 10.29
CA VAL A 140 14.07 -3.15 9.99
C VAL A 140 14.43 -4.63 10.09
N SER A 141 13.72 -5.37 10.93
CA SER A 141 13.92 -6.81 11.06
CA SER A 141 13.94 -6.81 11.03
C SER A 141 12.71 -7.53 10.50
N VAL A 142 12.90 -8.16 9.35
CA VAL A 142 11.84 -8.84 8.63
C VAL A 142 11.88 -10.33 8.95
N VAL A 143 10.72 -10.86 9.30
CA VAL A 143 10.61 -12.29 9.50
C VAL A 143 9.63 -12.84 8.48
N GLN A 144 9.96 -14.01 7.92
CA GLN A 144 9.12 -14.71 6.95
C GLN A 144 9.13 -16.22 7.15
N LYS B 7 -12.63 16.36 -13.21
CA LYS B 7 -13.31 15.54 -14.25
C LYS B 7 -13.21 14.06 -13.93
N VAL B 8 -14.37 13.39 -13.97
CA VAL B 8 -14.49 11.96 -13.74
C VAL B 8 -15.13 11.31 -14.96
N VAL B 9 -14.62 10.13 -15.31
CA VAL B 9 -15.28 9.26 -16.27
C VAL B 9 -15.41 7.92 -15.57
N LYS B 10 -16.66 7.55 -15.25
CA LYS B 10 -16.93 6.31 -14.53
C LYS B 10 -17.66 5.31 -15.43
N PHE B 11 -17.22 4.05 -15.36
CA PHE B 11 -17.76 3.00 -16.21
C PHE B 11 -17.62 1.68 -15.48
N SER B 12 -18.16 0.62 -16.07
CA SER B 12 -18.16 -0.64 -15.37
C SER B 12 -18.07 -1.79 -16.34
N TYR B 13 -17.76 -2.96 -15.79
CA TYR B 13 -17.79 -4.20 -16.54
C TYR B 13 -18.25 -5.32 -15.64
N MET B 14 -19.16 -6.14 -16.16
CA MET B 14 -19.62 -7.35 -15.47
C MET B 14 -19.01 -8.55 -16.18
N TRP B 15 -18.37 -9.40 -15.40
CA TRP B 15 -17.73 -10.60 -15.94
C TRP B 15 -18.33 -11.84 -15.28
N THR B 16 -18.94 -12.71 -16.08
CA THR B 16 -19.43 -14.00 -15.56
C THR B 16 -18.50 -15.11 -16.03
N ILE B 17 -17.97 -15.84 -15.05
CA ILE B 17 -17.10 -16.99 -15.28
C ILE B 17 -17.91 -18.27 -15.01
N ASN B 18 -18.19 -19.02 -16.07
CA ASN B 18 -19.00 -20.23 -15.96
C ASN B 18 -18.19 -21.41 -15.42
N ASN B 19 -18.89 -22.37 -14.82
CA ASN B 19 -18.24 -23.60 -14.32
C ASN B 19 -17.08 -23.28 -13.41
N PHE B 20 -17.29 -22.31 -12.51
CA PHE B 20 -16.18 -21.81 -11.74
C PHE B 20 -15.49 -22.88 -10.89
N SER B 21 -16.28 -23.81 -10.34
CA SER B 21 -15.71 -24.85 -9.48
C SER B 21 -14.77 -25.80 -10.25
N PHE B 22 -14.80 -25.75 -11.58
CA PHE B 22 -13.99 -26.64 -12.41
C PHE B 22 -12.69 -26.02 -12.90
N CYS B 23 -12.45 -24.75 -12.56
CA CYS B 23 -11.19 -24.10 -12.93
C CYS B 23 -10.02 -24.97 -12.53
N ARG B 24 -9.12 -25.18 -13.48
CA ARG B 24 -7.94 -25.99 -13.22
C ARG B 24 -6.71 -25.14 -12.95
N GLU B 25 -6.88 -23.82 -12.91
CA GLU B 25 -5.75 -22.92 -12.69
C GLU B 25 -5.08 -23.17 -11.35
N GLU B 26 -3.77 -23.30 -11.38
CA GLU B 26 -3.01 -23.46 -10.15
C GLU B 26 -2.52 -22.10 -9.70
N MET B 27 -1.90 -22.04 -8.52
CA MET B 27 -1.40 -20.78 -8.00
C MET B 27 -0.56 -20.08 -9.06
N GLY B 28 -0.81 -18.80 -9.26
CA GLY B 28 -0.04 -18.01 -10.22
C GLY B 28 -0.62 -18.02 -11.62
N GLU B 29 -1.45 -19.01 -11.95
CA GLU B 29 -2.13 -19.03 -13.25
C GLU B 29 -3.33 -18.06 -13.25
N VAL B 30 -3.69 -17.61 -14.44
CA VAL B 30 -4.59 -16.47 -14.58
C VAL B 30 -5.65 -16.70 -15.65
N ILE B 31 -6.83 -16.14 -15.41
CA ILE B 31 -7.82 -16.01 -16.48
C ILE B 31 -8.03 -14.52 -16.71
N LYS B 32 -7.99 -14.09 -17.97
CA LYS B 32 -8.33 -12.69 -18.29
C LYS B 32 -9.69 -12.58 -18.94
N SER B 33 -10.36 -11.46 -18.68
CA SER B 33 -11.63 -11.17 -19.30
C SER B 33 -11.45 -10.60 -20.69
N SER B 34 -12.56 -10.47 -21.41
CA SER B 34 -12.59 -9.64 -22.60
C SER B 34 -12.27 -8.19 -22.23
N THR B 35 -11.83 -7.42 -23.22
CA THR B 35 -11.51 -6.02 -22.98
C THR B 35 -12.76 -5.17 -22.95
N PHE B 36 -12.68 -4.07 -22.23
CA PHE B 36 -13.78 -3.13 -22.13
C PHE B 36 -13.25 -1.71 -22.07
N SER B 37 -14.14 -0.74 -22.24
CA SER B 37 -13.74 0.65 -22.18
C SER B 37 -14.92 1.45 -21.67
N SER B 38 -14.79 2.77 -21.63
CA SER B 38 -15.88 3.64 -21.18
CA SER B 38 -15.90 3.61 -21.18
C SER B 38 -16.89 3.89 -22.29
N LEU B 44 -8.82 4.09 -24.34
CA LEU B 44 -8.35 3.27 -23.23
C LEU B 44 -9.05 1.91 -23.28
N LYS B 45 -8.28 0.83 -23.20
CA LYS B 45 -8.84 -0.52 -23.15
C LYS B 45 -8.36 -1.18 -21.88
N TRP B 46 -9.28 -1.84 -21.20
CA TRP B 46 -9.03 -2.46 -19.90
C TRP B 46 -9.47 -3.91 -19.94
N CYS B 47 -8.99 -4.72 -19.00
CA CYS B 47 -9.62 -6.04 -18.78
C CYS B 47 -9.45 -6.39 -17.32
N LEU B 48 -10.18 -7.40 -16.88
CA LEU B 48 -9.99 -7.96 -15.55
C LEU B 48 -9.16 -9.22 -15.63
N ARG B 49 -8.44 -9.54 -14.55
CA ARG B 49 -7.68 -10.77 -14.47
C ARG B 49 -7.92 -11.39 -13.11
N VAL B 50 -8.14 -12.70 -13.10
CA VAL B 50 -8.30 -13.41 -11.84
CA VAL B 50 -8.32 -13.40 -11.85
C VAL B 50 -7.32 -14.55 -11.71
N ASN B 51 -6.85 -14.75 -10.48
CA ASN B 51 -6.08 -15.96 -10.14
C ASN B 51 -6.96 -16.80 -9.24
N PRO B 52 -7.62 -17.83 -9.79
CA PRO B 52 -8.54 -18.62 -8.98
C PRO B 52 -7.94 -19.29 -7.76
N LYS B 53 -6.62 -19.57 -7.81
CA LYS B 53 -5.90 -20.19 -6.68
C LYS B 53 -4.83 -19.26 -6.11
N GLY B 54 -5.02 -17.97 -6.34
CA GLY B 54 -4.14 -16.99 -5.75
C GLY B 54 -2.97 -16.66 -6.61
N LEU B 55 -2.43 -15.46 -6.41
CA LEU B 55 -1.28 -14.95 -7.12
C LEU B 55 0.02 -15.62 -6.65
N ASP B 56 0.14 -15.86 -5.34
CA ASP B 56 1.41 -16.23 -4.69
C ASP B 56 1.19 -16.81 -3.28
N GLU B 57 2.26 -17.09 -2.53
CA GLU B 57 2.15 -17.67 -1.18
C GLU B 57 1.32 -16.78 -0.23
N GLU B 58 1.54 -15.46 -0.30
CA GLU B 58 0.80 -14.52 0.52
C GLU B 58 -0.70 -14.69 0.30
N SER B 59 -1.07 -15.05 -0.93
CA SER B 59 -2.49 -15.14 -1.29
C SER B 59 -2.96 -16.59 -1.48
N LYS B 60 -2.24 -17.52 -0.86
CA LYS B 60 -2.67 -18.93 -0.86
C LYS B 60 -4.12 -19.01 -0.39
N ASP B 61 -4.91 -19.83 -1.08
CA ASP B 61 -6.32 -20.03 -0.70
C ASP B 61 -7.24 -18.79 -0.83
N TYR B 62 -6.77 -17.78 -1.58
CA TYR B 62 -7.61 -16.66 -2.01
C TYR B 62 -7.75 -16.66 -3.52
N LEU B 63 -8.87 -16.13 -3.98
CA LEU B 63 -8.94 -15.66 -5.35
C LEU B 63 -8.41 -14.23 -5.38
N SER B 64 -7.53 -13.98 -6.35
CA SER B 64 -6.92 -12.67 -6.55
C SER B 64 -7.59 -12.03 -7.75
N LEU B 65 -7.80 -10.72 -7.71
CA LEU B 65 -8.55 -10.03 -8.75
C LEU B 65 -7.89 -8.69 -9.07
N TYR B 66 -7.72 -8.44 -10.37
CA TYR B 66 -6.99 -7.28 -10.88
C TYR B 66 -7.68 -6.59 -12.03
N LEU B 67 -7.46 -5.28 -12.08
CA LEU B 67 -7.79 -4.45 -13.23
C LEU B 67 -6.50 -4.17 -14.00
N LEU B 68 -6.50 -4.46 -15.29
CA LEU B 68 -5.34 -4.27 -16.15
C LEU B 68 -5.63 -3.22 -17.22
N LEU B 69 -4.72 -2.26 -17.37
CA LEU B 69 -4.82 -1.31 -18.48
C LEU B 69 -4.13 -1.95 -19.69
N VAL B 70 -4.95 -2.41 -20.64
CA VAL B 70 -4.44 -3.17 -21.80
C VAL B 70 -3.79 -2.26 -22.84
N SER B 71 -4.45 -1.15 -23.13
CA SER B 71 -4.00 -0.24 -24.19
C SER B 71 -4.23 1.19 -23.72
N CYS B 72 -3.21 2.02 -23.92
CA CYS B 72 -3.26 3.43 -23.52
C CYS B 72 -2.45 4.30 -24.49
N PRO B 73 -3.05 5.41 -24.99
CA PRO B 73 -2.40 6.32 -25.95
C PRO B 73 -1.48 7.35 -25.31
N LYS B 74 -1.52 7.45 -23.99
CA LYS B 74 -0.63 8.35 -23.25
C LYS B 74 0.19 7.58 -22.21
N SER B 75 1.08 8.27 -21.52
CA SER B 75 2.00 7.62 -20.60
C SER B 75 1.32 6.95 -19.42
N GLU B 76 0.32 7.63 -18.85
CA GLU B 76 -0.32 7.15 -17.63
C GLU B 76 -1.80 7.52 -17.56
N VAL B 77 -2.53 6.79 -16.73
CA VAL B 77 -3.93 7.03 -16.42
C VAL B 77 -4.04 6.92 -14.91
N ARG B 78 -4.79 7.80 -14.26
CA ARG B 78 -5.09 7.66 -12.83
C ARG B 78 -6.53 7.18 -12.66
N ALA B 79 -6.74 6.09 -11.92
CA ALA B 79 -8.08 5.53 -11.77
C ALA B 79 -8.30 4.95 -10.39
N LYS B 80 -9.51 5.18 -9.88
CA LYS B 80 -10.02 4.46 -8.72
C LYS B 80 -10.80 3.26 -9.24
N PHE B 81 -10.93 2.23 -8.41
CA PHE B 81 -11.67 1.05 -8.83
C PHE B 81 -12.32 0.34 -7.65
N LYS B 82 -13.42 -0.35 -7.95
CA LYS B 82 -14.14 -1.15 -6.97
CA LYS B 82 -14.11 -1.17 -6.95
C LYS B 82 -14.53 -2.47 -7.61
N PHE B 83 -14.28 -3.57 -6.90
CA PHE B 83 -14.74 -4.87 -7.36
C PHE B 83 -15.78 -5.39 -6.38
N SER B 84 -16.81 -6.04 -6.90
CA SER B 84 -17.76 -6.73 -6.04
C SER B 84 -18.19 -8.03 -6.72
N ILE B 85 -18.82 -8.88 -5.92
CA ILE B 85 -19.37 -10.12 -6.42
C ILE B 85 -20.87 -9.94 -6.45
N LEU B 86 -21.51 -10.29 -7.55
CA LEU B 86 -22.97 -10.19 -7.61
C LEU B 86 -23.58 -11.50 -7.15
N ASN B 87 -24.50 -11.41 -6.20
CA ASN B 87 -25.16 -12.62 -5.70
C ASN B 87 -26.29 -13.05 -6.62
N ALA B 88 -27.06 -14.05 -6.21
CA ALA B 88 -28.14 -14.56 -7.06
C ALA B 88 -29.19 -13.50 -7.42
N LYS B 89 -29.38 -12.53 -6.55
CA LYS B 89 -30.34 -11.45 -6.76
C LYS B 89 -29.75 -10.31 -7.58
N GLY B 90 -28.48 -10.46 -7.97
CA GLY B 90 -27.78 -9.43 -8.73
C GLY B 90 -27.21 -8.31 -7.87
N GLU B 91 -27.25 -8.48 -6.56
CA GLU B 91 -26.79 -7.46 -5.60
C GLU B 91 -25.29 -7.53 -5.39
N GLU B 92 -24.67 -6.38 -5.20
CA GLU B 92 -23.25 -6.31 -4.88
C GLU B 92 -22.97 -6.77 -3.47
N THR B 93 -21.99 -7.68 -3.34
CA THR B 93 -21.55 -8.14 -2.04
CA THR B 93 -21.56 -8.21 -2.05
C THR B 93 -20.04 -8.33 -2.03
N LYS B 94 -19.46 -8.39 -0.83
CA LYS B 94 -18.02 -8.61 -0.66
C LYS B 94 -17.19 -7.64 -1.51
N ALA B 95 -17.57 -6.37 -1.47
CA ALA B 95 -16.88 -5.35 -2.25
C ALA B 95 -15.51 -5.01 -1.67
N MET B 96 -14.59 -4.66 -2.55
CA MET B 96 -13.29 -4.16 -2.14
C MET B 96 -12.94 -3.01 -3.08
N GLU B 97 -12.51 -1.90 -2.51
CA GLU B 97 -12.26 -0.71 -3.31
C GLU B 97 -10.90 -0.11 -3.05
N SER B 98 -10.38 0.57 -4.08
N SER B 98 -10.37 0.56 -4.07
CA SER B 98 -9.05 1.14 -4.02
CA SER B 98 -9.14 1.33 -3.90
C SER B 98 -8.97 2.33 -3.08
C SER B 98 -9.48 2.56 -3.05
N GLN B 99 -10.10 2.99 -2.84
N GLN B 99 -8.63 2.88 -2.08
CA GLN B 99 -10.09 4.19 -2.01
CA GLN B 99 -8.91 3.99 -1.16
C GLN B 99 -9.47 5.38 -2.75
C GLN B 99 -8.52 5.34 -1.77
N ARG B 100 -8.17 5.32 -3.04
CA ARG B 100 -7.55 6.42 -3.78
C ARG B 100 -7.32 5.97 -5.23
N ALA B 101 -6.96 6.91 -6.09
CA ALA B 101 -6.60 6.59 -7.46
C ALA B 101 -5.20 6.00 -7.52
N TYR B 102 -5.03 5.03 -8.40
CA TYR B 102 -3.75 4.44 -8.68
C TYR B 102 -3.29 4.81 -10.08
N ARG B 103 -1.97 4.83 -10.25
CA ARG B 103 -1.36 5.17 -11.53
CA ARG B 103 -1.38 5.17 -11.53
C ARG B 103 -1.21 3.93 -12.41
N PHE B 104 -1.90 3.93 -13.55
CA PHE B 104 -1.84 2.83 -14.50
C PHE B 104 -1.01 3.26 -15.72
N VAL B 105 -0.17 2.36 -16.21
CA VAL B 105 0.44 2.52 -17.53
C VAL B 105 0.04 1.30 -18.34
N GLN B 106 0.25 1.34 -19.64
CA GLN B 106 -0.08 0.20 -20.48
C GLN B 106 0.62 -1.05 -19.94
N GLY B 107 -0.15 -2.10 -19.72
CA GLY B 107 0.36 -3.36 -19.18
C GLY B 107 0.37 -3.45 -17.67
N LYS B 108 -0.02 -2.37 -16.98
CA LYS B 108 0.00 -2.33 -15.51
C LYS B 108 -1.30 -2.84 -14.97
N ASP B 109 -1.17 -3.77 -13.93
CA ASP B 109 -2.37 -4.10 -13.19
C ASP B 109 -2.32 -3.65 -11.74
N TRP B 110 -3.55 -3.33 -11.20
CA TRP B 110 -3.71 -3.08 -9.78
C TRP B 110 -4.93 -3.85 -9.31
N GLY B 111 -4.89 -4.33 -8.07
CA GLY B 111 -6.02 -5.08 -7.55
C GLY B 111 -5.76 -5.59 -6.17
N PHE B 112 -6.35 -6.75 -5.86
CA PHE B 112 -6.29 -7.31 -4.53
C PHE B 112 -5.94 -8.77 -4.59
N LYS B 113 -4.75 -9.10 -4.10
CA LYS B 113 -4.35 -10.51 -4.15
C LYS B 113 -5.19 -11.34 -3.20
N LYS B 114 -5.71 -10.72 -2.14
CA LYS B 114 -6.58 -11.43 -1.19
C LYS B 114 -8.02 -10.94 -1.33
N PHE B 115 -8.57 -11.03 -2.54
CA PHE B 115 -9.89 -10.46 -2.78
C PHE B 115 -10.99 -11.20 -2.03
N ILE B 116 -10.98 -12.53 -2.09
CA ILE B 116 -11.96 -13.31 -1.34
C ILE B 116 -11.39 -14.70 -1.11
N ARG B 117 -11.68 -15.31 0.04
CA ARG B 117 -11.22 -16.68 0.27
C ARG B 117 -11.85 -17.64 -0.70
N ARG B 118 -11.01 -18.49 -1.28
CA ARG B 118 -11.48 -19.51 -2.20
C ARG B 118 -12.48 -20.45 -1.53
N GLY B 119 -12.20 -20.83 -0.28
CA GLY B 119 -13.07 -21.75 0.44
C GLY B 119 -14.40 -21.14 0.86
N PHE B 120 -14.49 -19.80 0.85
CA PHE B 120 -15.77 -19.14 1.02
C PHE B 120 -16.53 -19.18 -0.30
N LEU B 121 -15.88 -18.71 -1.34
CA LEU B 121 -16.51 -18.62 -2.64
C LEU B 121 -17.04 -19.99 -3.12
N LEU B 122 -16.24 -21.03 -2.92
CA LEU B 122 -16.54 -22.35 -3.46
C LEU B 122 -17.60 -23.10 -2.69
N ASP B 123 -17.92 -22.69 -1.47
CA ASP B 123 -18.95 -23.38 -0.75
C ASP B 123 -20.29 -22.86 -1.22
N GLU B 124 -20.97 -23.70 -2.01
CA GLU B 124 -22.26 -23.34 -2.62
C GLU B 124 -23.22 -22.67 -1.64
N ALA B 125 -23.15 -23.08 -0.38
CA ALA B 125 -24.04 -22.61 0.68
C ALA B 125 -24.00 -21.10 0.94
N ASN B 126 -22.90 -20.45 0.60
CA ASN B 126 -22.82 -19.00 0.69
C ASN B 126 -23.54 -18.28 -0.43
N GLY B 127 -23.96 -19.05 -1.43
CA GLY B 127 -24.86 -18.55 -2.48
C GLY B 127 -24.21 -17.70 -3.55
N LEU B 128 -22.88 -17.67 -3.62
CA LEU B 128 -22.21 -16.80 -4.58
C LEU B 128 -21.79 -17.46 -5.90
N LEU B 129 -22.11 -18.73 -6.07
CA LEU B 129 -21.90 -19.42 -7.35
C LEU B 129 -23.19 -20.08 -7.81
N PRO B 130 -24.25 -19.27 -8.04
CA PRO B 130 -25.50 -19.86 -8.53
C PRO B 130 -25.23 -20.50 -9.90
N ASP B 131 -25.67 -21.75 -10.06
CA ASP B 131 -25.41 -22.52 -11.28
C ASP B 131 -23.93 -22.60 -11.65
N ASP B 132 -23.10 -22.56 -10.61
CA ASP B 132 -21.64 -22.64 -10.73
C ASP B 132 -21.05 -21.48 -11.53
N LYS B 133 -21.68 -20.31 -11.44
CA LYS B 133 -21.22 -19.12 -12.15
C LYS B 133 -20.73 -18.08 -11.15
N LEU B 134 -19.51 -17.58 -11.36
CA LEU B 134 -19.02 -16.44 -10.59
C LEU B 134 -19.26 -15.18 -11.38
N THR B 135 -19.97 -14.22 -10.80
CA THR B 135 -20.20 -12.93 -11.46
C THR B 135 -19.49 -11.83 -10.71
N LEU B 136 -18.55 -11.20 -11.38
CA LEU B 136 -17.77 -10.10 -10.83
C LEU B 136 -18.21 -8.80 -11.47
N PHE B 137 -18.20 -7.72 -10.69
CA PHE B 137 -18.58 -6.41 -11.21
C PHE B 137 -17.52 -5.40 -10.84
N CYS B 138 -16.95 -4.77 -11.86
CA CYS B 138 -15.88 -3.79 -11.63
C CYS B 138 -16.39 -2.40 -12.02
N GLU B 139 -16.20 -1.44 -11.11
CA GLU B 139 -16.51 -0.03 -11.39
C GLU B 139 -15.20 0.74 -11.38
N VAL B 140 -14.92 1.45 -12.49
CA VAL B 140 -13.66 2.16 -12.69
C VAL B 140 -13.98 3.64 -12.81
N SER B 141 -13.23 4.48 -12.08
CA SER B 141 -13.40 5.92 -12.13
C SER B 141 -12.07 6.53 -12.53
N VAL B 142 -11.99 6.95 -13.78
CA VAL B 142 -10.81 7.65 -14.28
C VAL B 142 -10.93 9.11 -13.87
N VAL B 143 -9.99 9.58 -13.06
CA VAL B 143 -10.10 10.91 -12.44
C VAL B 143 -8.90 11.77 -12.79
N ASP C 2 1.49 3.49 14.43
CA ASP C 2 0.56 4.35 13.71
CA ASP C 2 0.53 4.33 13.72
C ASP C 2 0.69 4.09 12.23
N SER C 3 -0.42 4.20 11.51
CA SER C 3 -0.37 4.12 10.07
C SER C 3 -1.14 5.29 9.51
N THR C 4 -0.76 5.76 8.32
CA THR C 4 -1.48 6.89 7.72
C THR C 4 -2.61 6.46 6.82
N THR C 5 -2.81 5.15 6.69
CA THR C 5 -3.90 4.67 5.87
C THR C 5 -4.74 3.63 6.59
N GLU C 6 -5.96 3.48 6.10
CA GLU C 6 -6.85 2.42 6.47
C GLU C 6 -7.43 1.87 5.16
N GLY C 7 -8.41 0.98 5.29
CA GLY C 7 -9.00 0.38 4.11
C GLY C 7 -8.00 -0.61 3.55
N THR C 8 -8.11 -0.85 2.25
CA THR C 8 -7.41 -1.97 1.64
C THR C 8 -6.44 -1.48 0.57
N PRO C 9 -5.12 -1.40 0.89
CA PRO C 9 -4.21 -0.99 -0.19
C PRO C 9 -4.18 -2.03 -1.29
N ALA C 10 -4.24 -1.55 -2.53
CA ALA C 10 -4.13 -2.42 -3.68
C ALA C 10 -2.69 -2.87 -3.88
N ASP C 11 -2.55 -3.98 -4.60
CA ASP C 11 -1.22 -4.45 -4.98
C ASP C 11 -1.15 -4.61 -6.48
N GLY C 12 0.08 -4.69 -6.98
CA GLY C 12 0.35 -4.89 -8.40
C GLY C 12 1.84 -4.80 -8.61
#